data_7E6I
#
_entry.id   7E6I
#
_cell.length_a   120.254
_cell.length_b   120.254
_cell.length_c   214.980
_cell.angle_alpha   90.000
_cell.angle_beta   90.000
_cell.angle_gamma   120.000
#
_symmetry.space_group_name_H-M   'P 65 2 2'
#
loop_
_entity.id
_entity.type
_entity.pdbx_description
1 polymer 'Glucose-6-phosphate 1-dehydrogenase'
2 non-polymer 6-O-phosphono-beta-D-glucopyranose
3 non-polymer 2-AMINO-2-HYDROXYMETHYL-PROPANE-1,3-DIOL
4 non-polymer 2-(2-(2-(2-(2-(2-ETHOXYETHOXY)ETHOXY)ETHOXY)ETHOXY)ETHOXY)ETHANOL
5 water water
#
_entity_poly.entity_id   1
_entity_poly.type   'polypeptide(L)'
_entity_poly.pdbx_seq_one_letter_code
;MATQFDENTVITIFGASGDLSKKKTFPALFGLYREGYLNPTTKIIGYARSKLSNEDLREKVKPFLKKPNGAKDDAKVNEF
LSMVSYHAGPYDSDEGYLELKKIIEEFEAEKKVDEPHRLFYLALPPSIFIDVCSKLKENLYTESGIQRVIVEKPFGHDLQ
SATELQEKLAPLFSEDELFRIDHYLGKEMVKNLLLMRFGNTFLNAAWNKENIQSVQVVFKEPFGTEGRGGYFDSIGIIRD
VMQNHLLQVLTLLTMERPVSFDPESVRDEKVKVLKAFSPIDHDDILIGQYGRSVDGSKPSYLDDETVKEDSKCVTFAAIG
FKIANERWDGVPIVMRAGKALNEGKVEIRIQFRRVASGMFTDIPNNELVIRIQPNEAIYLKCNAKTPGLANENQTTELDL
TYSERYKNYWIPEAYESLIRDALLGDHSNFVRDDELDVSWKLFTPLLNYLEGPDGPQPKIYPYGCRSPDGLVEFLADHGY
TFSKPGSYQWPVTTPKM
;
_entity_poly.pdbx_strand_id   A
#
loop_
_chem_comp.id
_chem_comp.type
_chem_comp.name
_chem_comp.formula
7PE non-polymer 2-(2-(2-(2-(2-(2-ETHOXYETHOXY)ETHOXY)ETHOXY)ETHOXY)ETHOXY)ETHANOL 'C14 H30 O7'
BG6 D-saccharide, beta linking 6-O-phosphono-beta-D-glucopyranose 'C6 H13 O9 P'
TRS non-polymer 2-AMINO-2-HYDROXYMETHYL-PROPANE-1,3-DIOL 'C4 H12 N O3 1'
#
# COMPACT_ATOMS: atom_id res chain seq x y z
N MET A 1 -16.41 17.21 -4.45
CA MET A 1 -17.72 17.35 -5.09
C MET A 1 -18.54 16.08 -4.84
N ALA A 2 -17.87 15.05 -4.33
CA ALA A 2 -18.57 13.93 -3.71
C ALA A 2 -19.09 14.35 -2.33
N THR A 3 -20.15 13.69 -1.89
CA THR A 3 -20.77 14.05 -0.63
C THR A 3 -19.92 13.59 0.54
N GLN A 4 -19.68 14.49 1.50
CA GLN A 4 -18.90 14.14 2.67
C GLN A 4 -19.80 13.57 3.77
N PHE A 5 -19.28 12.58 4.49
CA PHE A 5 -19.98 11.90 5.57
C PHE A 5 -19.54 12.53 6.87
N ASP A 6 -20.49 13.15 7.60
CA ASP A 6 -20.18 13.81 8.86
C ASP A 6 -21.10 13.32 9.96
N GLU A 7 -22.34 13.83 10.01
CA GLU A 7 -23.26 13.55 11.10
C GLU A 7 -24.11 12.32 10.81
N ASN A 8 -24.32 11.50 11.84
CA ASN A 8 -25.24 10.37 11.79
C ASN A 8 -24.85 9.35 10.72
N THR A 9 -23.56 9.29 10.40
CA THR A 9 -23.05 8.23 9.56
C THR A 9 -22.93 6.93 10.35
N VAL A 10 -23.34 5.84 9.74
CA VAL A 10 -23.20 4.52 10.35
C VAL A 10 -22.07 3.79 9.63
N ILE A 11 -21.06 3.41 10.38
CA ILE A 11 -19.95 2.62 9.88
C ILE A 11 -20.14 1.20 10.41
N THR A 12 -20.35 0.25 9.51
CA THR A 12 -20.40 -1.17 9.87
C THR A 12 -19.10 -1.85 9.46
N ILE A 13 -18.44 -2.49 10.41
CA ILE A 13 -17.20 -3.22 10.17
C ILE A 13 -17.53 -4.71 10.16
N PHE A 14 -17.61 -5.28 8.97
CA PHE A 14 -17.80 -6.72 8.85
C PHE A 14 -16.50 -7.46 9.15
N GLY A 15 -16.64 -8.65 9.72
CA GLY A 15 -15.48 -9.37 10.21
C GLY A 15 -14.94 -8.78 11.49
N ALA A 16 -15.80 -8.18 12.30
CA ALA A 16 -15.35 -7.32 13.39
C ALA A 16 -14.51 -8.05 14.44
N SER A 17 -14.64 -9.36 14.54
CA SER A 17 -13.92 -10.13 15.55
C SER A 17 -12.52 -10.53 15.12
N GLY A 18 -12.16 -10.31 13.86
CA GLY A 18 -10.88 -10.76 13.36
C GLY A 18 -9.74 -9.85 13.72
N ASP A 19 -8.53 -10.32 13.38
CA ASP A 19 -7.32 -9.61 13.76
C ASP A 19 -7.24 -8.25 13.11
N LEU A 20 -7.51 -8.20 11.79
CA LEU A 20 -7.43 -6.93 11.09
C LEU A 20 -8.36 -5.90 11.71
N SER A 21 -9.59 -6.31 12.05
CA SER A 21 -10.58 -5.40 12.61
C SER A 21 -10.12 -4.84 13.94
N LYS A 22 -9.64 -5.69 14.84
CA LYS A 22 -9.40 -5.22 16.19
C LYS A 22 -8.06 -4.50 16.32
N LYS A 23 -7.08 -4.87 15.51
CA LYS A 23 -5.76 -4.26 15.60
C LYS A 23 -5.56 -3.09 14.65
N LYS A 24 -6.40 -2.94 13.62
CA LYS A 24 -6.16 -1.89 12.63
C LYS A 24 -7.40 -1.03 12.38
N THR A 25 -8.53 -1.66 12.05
CA THR A 25 -9.70 -0.89 11.66
C THR A 25 -10.22 -0.07 12.84
N PHE A 26 -10.52 -0.73 13.95
CA PHE A 26 -11.03 -0.01 15.11
C PHE A 26 -9.99 0.95 15.69
N PRO A 27 -8.72 0.55 15.82
CA PRO A 27 -7.72 1.54 16.24
C PRO A 27 -7.65 2.74 15.32
N ALA A 28 -7.84 2.56 14.01
CA ALA A 28 -7.81 3.70 13.10
C ALA A 28 -9.03 4.57 13.30
N LEU A 29 -10.20 3.96 13.46
CA LEU A 29 -11.41 4.74 13.76
C LEU A 29 -11.21 5.57 15.01
N PHE A 30 -10.55 5.01 16.02
CA PHE A 30 -10.34 5.75 17.26
C PHE A 30 -9.41 6.92 17.05
N GLY A 31 -8.28 6.69 16.38
CA GLY A 31 -7.34 7.76 16.10
C GLY A 31 -8.00 8.94 15.43
N LEU A 32 -8.83 8.67 14.42
CA LEU A 32 -9.61 9.73 13.79
C LEU A 32 -10.49 10.43 14.81
N TYR A 33 -11.12 9.67 15.71
CA TYR A 33 -11.98 10.27 16.72
C TYR A 33 -11.16 11.07 17.73
N ARG A 34 -10.08 10.46 18.23
CA ARG A 34 -9.26 11.08 19.25
C ARG A 34 -8.73 12.44 18.82
N GLU A 35 -8.41 12.59 17.53
CA GLU A 35 -7.90 13.84 17.01
C GLU A 35 -9.00 14.72 16.42
N GLY A 36 -10.26 14.37 16.64
CA GLY A 36 -11.33 15.27 16.25
C GLY A 36 -11.75 15.20 14.81
N TYR A 37 -11.50 14.07 14.14
CA TYR A 37 -11.88 13.91 12.74
C TYR A 37 -12.94 12.86 12.53
N LEU A 38 -13.54 12.34 13.61
CA LEU A 38 -14.69 11.46 13.53
C LEU A 38 -15.83 12.09 14.31
N ASN A 39 -16.94 12.38 13.62
CA ASN A 39 -18.06 13.05 14.25
C ASN A 39 -18.62 12.20 15.38
N PRO A 40 -18.94 12.79 16.53
CA PRO A 40 -19.44 12.01 17.67
C PRO A 40 -20.81 11.39 17.46
N THR A 41 -21.57 11.84 16.46
CA THR A 41 -22.85 11.22 16.12
C THR A 41 -22.71 10.02 15.21
N THR A 42 -21.54 9.42 15.14
CA THR A 42 -21.28 8.31 14.24
C THR A 42 -21.63 7.02 14.92
N LYS A 43 -22.42 6.16 14.25
CA LYS A 43 -22.75 4.87 14.81
C LYS A 43 -21.80 3.81 14.26
N ILE A 44 -21.00 3.21 15.14
CA ILE A 44 -20.03 2.20 14.76
C ILE A 44 -20.57 0.83 15.15
N ILE A 45 -20.76 -0.04 14.17
CA ILE A 45 -21.35 -1.37 14.36
C ILE A 45 -20.38 -2.43 13.86
N GLY A 46 -20.02 -3.37 14.73
CA GLY A 46 -19.21 -4.51 14.37
C GLY A 46 -20.07 -5.72 14.15
N TYR A 47 -19.94 -6.33 12.98
CA TYR A 47 -20.72 -7.51 12.58
C TYR A 47 -19.79 -8.68 12.33
N ALA A 48 -20.15 -9.86 12.87
CA ALA A 48 -19.44 -11.11 12.64
C ALA A 48 -20.34 -12.27 13.08
N ARG A 49 -19.90 -13.50 12.77
CA ARG A 49 -20.73 -14.66 13.04
C ARG A 49 -20.78 -15.00 14.53
N SER A 50 -19.65 -14.90 15.22
CA SER A 50 -19.60 -15.24 16.64
C SER A 50 -20.59 -14.41 17.43
N LYS A 51 -20.88 -14.87 18.63
CA LYS A 51 -22.02 -14.39 19.39
C LYS A 51 -21.60 -13.52 20.57
N LEU A 52 -20.82 -12.48 20.34
CA LEU A 52 -20.30 -11.68 21.43
C LEU A 52 -21.21 -10.47 21.73
N SER A 53 -20.91 -9.82 22.84
CA SER A 53 -21.69 -8.68 23.32
C SER A 53 -20.99 -7.37 22.99
N ASN A 54 -21.72 -6.26 23.20
CA ASN A 54 -21.11 -4.94 23.08
C ASN A 54 -19.87 -4.86 23.96
N GLU A 55 -19.95 -5.48 25.14
CA GLU A 55 -18.82 -5.48 26.06
C GLU A 55 -17.63 -6.24 25.48
N ASP A 56 -17.89 -7.39 24.85
CA ASP A 56 -16.81 -8.20 24.31
C ASP A 56 -16.05 -7.44 23.24
N LEU A 57 -16.77 -6.85 22.29
CA LEU A 57 -16.12 -6.09 21.22
C LEU A 57 -15.27 -4.96 21.79
N ARG A 58 -15.87 -4.11 22.63
CA ARG A 58 -15.15 -2.97 23.19
C ARG A 58 -13.91 -3.42 23.94
N GLU A 59 -14.02 -4.49 24.74
CA GLU A 59 -12.87 -4.95 25.49
C GLU A 59 -11.88 -5.68 24.60
N LYS A 60 -12.34 -6.21 23.47
CA LYS A 60 -11.43 -6.87 22.54
C LYS A 60 -10.51 -5.87 21.85
N VAL A 61 -11.01 -4.67 21.56
CA VAL A 61 -10.26 -3.74 20.72
C VAL A 61 -9.51 -2.70 21.56
N LYS A 62 -10.00 -2.42 22.77
CA LYS A 62 -9.39 -1.49 23.72
C LYS A 62 -7.88 -1.68 23.86
N PRO A 63 -7.36 -2.91 23.94
CA PRO A 63 -5.90 -3.07 24.06
C PRO A 63 -5.12 -2.55 22.87
N PHE A 64 -5.79 -2.15 21.79
CA PHE A 64 -5.09 -1.74 20.59
C PHE A 64 -5.30 -0.28 20.23
N LEU A 65 -6.27 0.39 20.86
CA LEU A 65 -6.40 1.82 20.69
C LEU A 65 -5.11 2.50 21.16
N LYS A 66 -4.71 3.54 20.45
CA LYS A 66 -3.46 4.22 20.72
C LYS A 66 -3.72 5.49 21.49
N LYS A 67 -3.04 5.65 22.63
CA LYS A 67 -3.11 6.87 23.43
C LYS A 67 -1.78 7.60 23.36
N PRO A 68 -1.58 8.50 22.40
CA PRO A 68 -0.32 9.25 22.35
C PRO A 68 -0.19 10.26 23.48
N ASN A 69 -1.31 10.71 24.05
CA ASN A 69 -1.29 11.56 25.25
C ASN A 69 -1.36 10.75 26.53
N GLY A 70 -0.92 9.49 26.49
CA GLY A 70 -0.84 8.69 27.70
C GLY A 70 -2.20 8.52 28.36
N ALA A 71 -2.21 8.60 29.69
CA ALA A 71 -3.46 8.47 30.43
C ALA A 71 -4.39 9.66 30.18
N LYS A 72 -3.87 10.79 29.72
CA LYS A 72 -4.74 11.82 29.19
C LYS A 72 -5.53 11.24 28.01
N ASP A 73 -6.53 12.00 27.54
CA ASP A 73 -7.48 11.56 26.51
C ASP A 73 -8.06 10.17 26.80
N ASP A 74 -8.05 9.74 28.06
CA ASP A 74 -8.70 8.49 28.44
C ASP A 74 -10.22 8.61 28.42
N ALA A 75 -10.75 9.83 28.61
CA ALA A 75 -12.18 10.02 28.39
C ALA A 75 -12.54 9.76 26.92
N LYS A 76 -11.64 10.11 26.00
CA LYS A 76 -11.88 9.83 24.59
C LYS A 76 -11.96 8.33 24.32
N VAL A 77 -11.10 7.54 24.96
CA VAL A 77 -11.17 6.10 24.80
C VAL A 77 -12.55 5.58 25.17
N ASN A 78 -13.04 5.95 26.35
CA ASN A 78 -14.36 5.49 26.79
C ASN A 78 -15.46 6.13 25.97
N GLU A 79 -15.29 7.40 25.61
CA GLU A 79 -16.22 8.05 24.69
C GLU A 79 -16.38 7.22 23.41
N PHE A 80 -15.25 6.86 22.79
CA PHE A 80 -15.28 6.13 21.53
C PHE A 80 -15.94 4.76 21.69
N LEU A 81 -15.53 3.99 22.70
CA LEU A 81 -16.09 2.66 22.92
C LEU A 81 -17.61 2.72 23.05
N SER A 82 -18.12 3.79 23.66
CA SER A 82 -19.57 3.94 23.81
C SER A 82 -20.28 4.13 22.48
N MET A 83 -19.58 4.53 21.42
CA MET A 83 -20.18 4.62 20.10
C MET A 83 -20.17 3.29 19.35
N VAL A 84 -19.48 2.30 19.88
CA VAL A 84 -19.28 1.02 19.22
C VAL A 84 -20.25 0.01 19.79
N SER A 85 -20.87 -0.77 18.90
CA SER A 85 -21.79 -1.84 19.29
C SER A 85 -21.54 -3.02 18.39
N TYR A 86 -22.21 -4.15 18.70
CA TYR A 86 -22.01 -5.42 18.01
C TYR A 86 -23.34 -6.06 17.62
N HIS A 87 -23.35 -6.64 16.42
CA HIS A 87 -24.46 -7.45 15.97
C HIS A 87 -23.89 -8.73 15.40
N ALA A 88 -24.44 -9.87 15.81
CA ALA A 88 -24.00 -11.18 15.33
C ALA A 88 -24.93 -11.70 14.24
N GLY A 89 -24.36 -12.49 13.34
CA GLY A 89 -25.13 -13.05 12.27
C GLY A 89 -24.23 -13.66 11.22
N PRO A 90 -24.78 -14.54 10.39
CA PRO A 90 -23.99 -15.14 9.32
C PRO A 90 -23.80 -14.16 8.17
N TYR A 91 -22.71 -14.35 7.44
CA TYR A 91 -22.53 -13.61 6.20
C TYR A 91 -23.33 -14.21 5.07
N ASP A 92 -23.76 -15.46 5.24
CA ASP A 92 -24.32 -16.35 4.23
C ASP A 92 -25.83 -16.18 4.03
N SER A 93 -26.52 -15.42 4.89
CA SER A 93 -27.96 -15.51 4.96
C SER A 93 -28.56 -14.16 5.32
N ASP A 94 -29.78 -13.92 4.82
CA ASP A 94 -30.38 -12.60 4.84
C ASP A 94 -30.84 -12.15 6.23
N GLU A 95 -30.98 -13.05 7.19
CA GLU A 95 -31.57 -12.65 8.47
C GLU A 95 -30.67 -11.68 9.21
N GLY A 96 -29.35 -11.88 9.12
CA GLY A 96 -28.44 -10.94 9.76
C GLY A 96 -28.54 -9.55 9.16
N TYR A 97 -28.62 -9.47 7.83
CA TYR A 97 -28.67 -8.17 7.16
C TYR A 97 -29.98 -7.45 7.41
N LEU A 98 -31.09 -8.20 7.45
CA LEU A 98 -32.36 -7.58 7.78
C LEU A 98 -32.38 -7.10 9.22
N GLU A 99 -31.80 -7.88 10.14
CA GLU A 99 -31.65 -7.39 11.50
C GLU A 99 -30.78 -6.14 11.55
N LEU A 100 -29.67 -6.14 10.79
CA LEU A 100 -28.83 -4.95 10.71
C LEU A 100 -29.57 -3.78 10.07
N LYS A 101 -30.30 -4.05 8.98
CA LYS A 101 -31.12 -3.01 8.36
C LYS A 101 -32.06 -2.35 9.36
N LYS A 102 -32.48 -3.09 10.39
CA LYS A 102 -33.40 -2.54 11.38
C LYS A 102 -32.67 -1.68 12.41
N ILE A 103 -31.55 -2.18 12.96
CA ILE A 103 -30.73 -1.35 13.84
C ILE A 103 -30.41 -0.02 13.18
N ILE A 104 -30.07 -0.05 11.90
CA ILE A 104 -29.58 1.16 11.24
C ILE A 104 -30.74 2.13 10.98
N GLU A 105 -31.85 1.62 10.45
CA GLU A 105 -33.00 2.48 10.21
C GLU A 105 -33.58 3.04 11.51
N GLU A 106 -33.49 2.29 12.60
CA GLU A 106 -33.87 2.82 13.90
C GLU A 106 -33.03 4.04 14.26
N PHE A 107 -31.71 3.92 14.13
CA PHE A 107 -30.82 5.04 14.43
C PHE A 107 -31.03 6.19 13.46
N GLU A 108 -31.22 5.89 12.18
CA GLU A 108 -31.41 6.94 11.17
C GLU A 108 -32.77 7.62 11.28
N ALA A 109 -33.63 7.16 12.18
CA ALA A 109 -34.90 7.82 12.47
C ALA A 109 -34.86 8.59 13.78
N GLU A 110 -34.26 8.01 14.82
CA GLU A 110 -34.00 8.72 16.05
C GLU A 110 -33.18 9.99 15.82
N LYS A 111 -32.37 10.04 14.77
CA LYS A 111 -31.83 11.27 14.21
C LYS A 111 -32.53 11.52 12.89
N LYS A 112 -32.98 12.75 12.68
CA LYS A 112 -33.76 13.02 11.48
C LYS A 112 -32.82 12.93 10.28
N VAL A 113 -32.81 11.78 9.61
CA VAL A 113 -31.94 11.55 8.47
C VAL A 113 -32.80 11.40 7.23
N ASP A 114 -32.64 12.33 6.28
CA ASP A 114 -33.28 12.25 4.98
C ASP A 114 -32.44 11.51 3.95
N GLU A 115 -31.14 11.38 4.19
CA GLU A 115 -30.22 10.73 3.27
C GLU A 115 -29.27 9.88 4.10
N PRO A 116 -29.54 8.58 4.20
CA PRO A 116 -28.60 7.70 4.90
C PRO A 116 -27.19 7.79 4.32
N HIS A 117 -26.20 7.91 5.21
CA HIS A 117 -24.79 7.88 4.83
C HIS A 117 -24.17 6.66 5.51
N ARG A 118 -23.83 5.64 4.73
CA ARG A 118 -23.40 4.35 5.29
C ARG A 118 -22.07 3.92 4.70
N LEU A 119 -21.11 3.63 5.58
CA LEU A 119 -19.82 3.05 5.19
C LEU A 119 -19.78 1.61 5.68
N PHE A 120 -19.46 0.69 4.78
CA PHE A 120 -19.27 -0.72 5.11
C PHE A 120 -17.79 -1.06 4.92
N TYR A 121 -17.09 -1.31 6.03
CA TYR A 121 -15.70 -1.76 5.97
C TYR A 121 -15.68 -3.28 6.03
N LEU A 122 -15.15 -3.91 4.98
CA LEU A 122 -15.21 -5.37 4.85
C LEU A 122 -13.87 -6.00 5.22
N ALA A 123 -13.64 -6.15 6.53
CA ALA A 123 -12.37 -6.70 7.03
C ALA A 123 -12.35 -8.22 6.91
N LEU A 124 -12.45 -8.68 5.68
CA LEU A 124 -12.69 -10.09 5.39
C LEU A 124 -11.84 -10.48 4.19
N PRO A 125 -11.55 -11.77 4.02
CA PRO A 125 -10.88 -12.22 2.80
C PRO A 125 -11.84 -12.21 1.62
N PRO A 126 -11.33 -12.19 0.40
CA PRO A 126 -12.22 -12.05 -0.76
C PRO A 126 -13.26 -13.16 -0.89
N SER A 127 -12.95 -14.37 -0.44
CA SER A 127 -13.93 -15.45 -0.53
C SER A 127 -15.20 -15.13 0.24
N ILE A 128 -15.19 -14.10 1.07
CA ILE A 128 -16.38 -13.69 1.80
C ILE A 128 -16.92 -12.32 1.35
N PHE A 129 -16.09 -11.47 0.69
CA PHE A 129 -16.57 -10.24 0.05
C PHE A 129 -17.83 -10.46 -0.73
N ILE A 130 -17.73 -11.36 -1.71
CA ILE A 130 -18.78 -11.47 -2.72
C ILE A 130 -20.09 -11.87 -2.07
N ASP A 131 -20.04 -12.76 -1.08
CA ASP A 131 -21.26 -13.08 -0.36
C ASP A 131 -21.80 -11.83 0.34
N VAL A 132 -20.95 -11.16 1.13
CA VAL A 132 -21.43 -9.98 1.87
C VAL A 132 -21.90 -8.89 0.92
N CYS A 133 -21.17 -8.68 -0.17
CA CYS A 133 -21.58 -7.65 -1.13
C CYS A 133 -22.94 -7.96 -1.73
N SER A 134 -23.14 -9.21 -2.16
CA SER A 134 -24.47 -9.66 -2.57
C SER A 134 -25.52 -9.33 -1.51
N LYS A 135 -25.27 -9.74 -0.27
CA LYS A 135 -26.26 -9.55 0.78
C LYS A 135 -26.56 -8.07 1.01
N LEU A 136 -25.52 -7.25 1.11
CA LEU A 136 -25.74 -5.80 1.25
C LEU A 136 -26.56 -5.25 0.09
N LYS A 137 -26.29 -5.71 -1.12
CA LYS A 137 -27.03 -5.22 -2.28
C LYS A 137 -28.45 -5.77 -2.30
N GLU A 138 -28.66 -7.02 -1.88
CA GLU A 138 -30.01 -7.58 -1.87
C GLU A 138 -30.87 -7.04 -0.73
N ASN A 139 -30.26 -6.70 0.41
CA ASN A 139 -31.02 -6.43 1.63
C ASN A 139 -30.83 -5.02 2.19
N LEU A 140 -29.67 -4.41 2.05
CA LEU A 140 -29.33 -3.19 2.78
C LEU A 140 -28.80 -2.12 1.84
N TYR A 141 -29.52 -1.85 0.74
CA TYR A 141 -29.14 -0.84 -0.23
C TYR A 141 -30.31 0.11 -0.41
N THR A 142 -30.08 1.42 -0.19
CA THR A 142 -31.12 2.42 -0.41
C THR A 142 -30.75 3.32 -1.58
N GLU A 143 -31.62 3.35 -2.60
CA GLU A 143 -31.42 4.24 -3.74
C GLU A 143 -31.59 5.71 -3.38
N SER A 144 -31.97 6.00 -2.13
CA SER A 144 -32.16 7.37 -1.65
C SER A 144 -31.17 7.75 -0.57
N GLY A 145 -30.12 6.97 -0.38
CA GLY A 145 -29.00 7.38 0.45
C GLY A 145 -27.73 7.12 -0.34
N ILE A 146 -26.58 7.26 0.28
CA ILE A 146 -25.32 6.88 -0.36
C ILE A 146 -24.59 5.88 0.53
N GLN A 147 -24.14 4.78 -0.06
CA GLN A 147 -23.38 3.75 0.64
C GLN A 147 -22.04 3.54 -0.05
N ARG A 148 -21.00 3.30 0.75
CA ARG A 148 -19.66 3.06 0.28
C ARG A 148 -19.12 1.81 0.96
N VAL A 149 -18.46 0.94 0.21
CA VAL A 149 -17.86 -0.25 0.80
C VAL A 149 -16.36 -0.23 0.57
N ILE A 150 -15.60 -0.50 1.63
CA ILE A 150 -14.16 -0.62 1.58
C ILE A 150 -13.79 -2.09 1.55
N VAL A 151 -12.97 -2.49 0.59
CA VAL A 151 -12.31 -3.78 0.59
C VAL A 151 -10.82 -3.57 0.41
N GLU A 152 -10.06 -4.53 0.90
CA GLU A 152 -8.62 -4.43 0.99
C GLU A 152 -7.97 -5.54 0.16
N LYS A 153 -6.78 -5.24 -0.38
CA LYS A 153 -6.09 -6.22 -1.19
C LYS A 153 -5.75 -7.44 -0.33
N PRO A 154 -5.62 -8.64 -0.94
CA PRO A 154 -5.59 -8.95 -2.36
C PRO A 154 -6.95 -9.09 -3.03
N PHE A 155 -7.03 -8.67 -4.28
CA PHE A 155 -8.21 -8.92 -5.11
C PHE A 155 -7.82 -9.90 -6.22
N GLY A 156 -7.50 -11.13 -5.85
CA GLY A 156 -6.99 -12.09 -6.81
C GLY A 156 -5.52 -12.41 -6.57
N HIS A 157 -5.09 -13.48 -7.22
CA HIS A 157 -3.70 -13.92 -7.19
C HIS A 157 -3.09 -14.02 -8.58
N ASP A 158 -3.88 -13.73 -9.62
CA ASP A 158 -3.42 -13.65 -11.00
C ASP A 158 -4.54 -12.99 -11.79
N LEU A 159 -4.31 -12.79 -13.09
CA LEU A 159 -5.30 -12.11 -13.91
C LEU A 159 -6.66 -12.81 -13.85
N GLN A 160 -6.67 -14.13 -13.96
CA GLN A 160 -7.94 -14.86 -14.08
C GLN A 160 -8.77 -14.73 -12.82
N SER A 161 -8.17 -14.98 -11.66
CA SER A 161 -8.93 -14.88 -10.41
C SER A 161 -9.40 -13.44 -10.17
N ALA A 162 -8.55 -12.44 -10.44
CA ALA A 162 -8.96 -11.06 -10.24
C ALA A 162 -10.13 -10.69 -11.16
N THR A 163 -10.04 -11.09 -12.44
CA THR A 163 -11.15 -10.86 -13.36
C THR A 163 -12.45 -11.47 -12.84
N GLU A 164 -12.37 -12.70 -12.34
CA GLU A 164 -13.57 -13.39 -11.85
C GLU A 164 -14.19 -12.66 -10.66
N LEU A 165 -13.35 -12.23 -9.72
CA LEU A 165 -13.87 -11.47 -8.58
C LEU A 165 -14.57 -10.20 -9.05
N GLN A 166 -13.94 -9.47 -9.96
CA GLN A 166 -14.50 -8.19 -10.40
C GLN A 166 -15.77 -8.40 -11.22
N GLU A 167 -15.83 -9.49 -12.00
CA GLU A 167 -17.05 -9.84 -12.72
C GLU A 167 -18.22 -9.99 -11.76
N LYS A 168 -17.97 -10.55 -10.58
CA LYS A 168 -19.03 -10.72 -9.59
C LYS A 168 -19.31 -9.44 -8.83
N LEU A 169 -18.30 -8.58 -8.70
CA LEU A 169 -18.42 -7.38 -7.89
C LEU A 169 -19.10 -6.25 -8.66
N ALA A 170 -18.78 -6.10 -9.94
CA ALA A 170 -19.25 -4.98 -10.74
C ALA A 170 -20.77 -4.82 -10.80
N PRO A 171 -21.58 -5.88 -10.96
CA PRO A 171 -23.04 -5.68 -10.94
C PRO A 171 -23.57 -5.32 -9.57
N LEU A 172 -22.76 -5.46 -8.52
CA LEU A 172 -23.24 -5.15 -7.17
C LEU A 172 -22.92 -3.73 -6.76
N PHE A 173 -21.69 -3.27 -6.96
CA PHE A 173 -21.27 -1.93 -6.53
C PHE A 173 -20.41 -1.30 -7.61
N SER A 174 -20.73 -0.06 -7.94
CA SER A 174 -19.98 0.68 -8.95
C SER A 174 -18.64 1.17 -8.39
N GLU A 175 -17.79 1.62 -9.32
CA GLU A 175 -16.50 2.18 -8.92
C GLU A 175 -16.68 3.35 -7.96
N ASP A 176 -17.77 4.10 -8.07
CA ASP A 176 -18.00 5.24 -7.19
C ASP A 176 -18.26 4.83 -5.75
N GLU A 177 -18.87 3.66 -5.54
CA GLU A 177 -19.16 3.15 -4.20
C GLU A 177 -18.06 2.27 -3.63
N LEU A 178 -17.17 1.76 -4.49
CA LEU A 178 -16.11 0.83 -4.11
C LEU A 178 -14.84 1.58 -3.71
N PHE A 179 -14.24 1.20 -2.59
CA PHE A 179 -12.99 1.80 -2.14
C PHE A 179 -11.98 0.68 -1.87
N ARG A 180 -11.19 0.35 -2.89
CA ARG A 180 -10.21 -0.74 -2.80
C ARG A 180 -8.92 -0.22 -2.20
N ILE A 181 -8.46 -0.86 -1.15
CA ILE A 181 -7.34 -0.36 -0.37
C ILE A 181 -6.06 -1.10 -0.76
N ASP A 182 -5.04 -0.30 -1.09
CA ASP A 182 -3.63 -0.66 -0.96
C ASP A 182 -3.08 0.28 0.11
N HIS A 183 -2.72 -0.25 1.28
CA HIS A 183 -2.49 0.66 2.41
C HIS A 183 -1.27 1.55 2.23
N TYR A 184 -0.35 1.22 1.31
CA TYR A 184 0.77 2.12 1.03
C TYR A 184 0.28 3.50 0.59
N LEU A 185 -0.83 3.55 -0.15
CA LEU A 185 -1.42 4.79 -0.61
C LEU A 185 -1.90 5.67 0.54
N GLY A 186 -1.87 5.19 1.78
CA GLY A 186 -2.20 6.05 2.91
C GLY A 186 -1.01 6.51 3.73
N LYS A 187 0.20 6.09 3.34
CA LYS A 187 1.42 6.49 4.05
C LYS A 187 1.80 7.93 3.71
N GLU A 188 2.23 8.67 4.73
CA GLU A 188 2.44 10.11 4.59
C GLU A 188 3.37 10.41 3.43
N MET A 189 4.51 9.72 3.36
CA MET A 189 5.49 10.05 2.34
C MET A 189 5.04 9.60 0.96
N VAL A 190 4.27 8.51 0.87
CA VAL A 190 3.70 8.17 -0.43
C VAL A 190 2.76 9.28 -0.91
N LYS A 191 1.96 9.85 0.01
CA LYS A 191 1.02 10.90 -0.36
C LYS A 191 1.70 12.20 -0.77
N ASN A 192 2.94 12.44 -0.35
CA ASN A 192 3.65 13.65 -0.78
C ASN A 192 4.24 13.55 -2.19
N LEU A 193 4.29 12.38 -2.82
CA LEU A 193 5.13 12.21 -4.00
C LEU A 193 4.68 13.11 -5.15
N LEU A 194 3.38 13.20 -5.40
CA LEU A 194 2.92 13.94 -6.58
C LEU A 194 3.26 15.42 -6.48
N LEU A 195 3.00 16.02 -5.32
CA LEU A 195 3.23 17.44 -5.19
C LEU A 195 4.72 17.74 -5.15
N MET A 196 5.49 16.84 -4.52
CA MET A 196 6.94 16.96 -4.50
C MET A 196 7.52 17.06 -5.89
N ARG A 197 7.10 16.18 -6.81
CA ARG A 197 7.71 16.22 -8.14
C ARG A 197 7.04 17.27 -9.03
N PHE A 198 5.71 17.29 -9.10
CA PHE A 198 5.02 18.21 -9.99
C PHE A 198 5.02 19.65 -9.48
N GLY A 199 5.16 19.86 -8.18
CA GLY A 199 5.15 21.20 -7.67
C GLY A 199 6.49 21.86 -7.56
N ASN A 200 7.58 21.24 -8.05
CA ASN A 200 8.91 21.83 -7.89
C ASN A 200 9.68 21.68 -9.20
N THR A 201 9.89 22.81 -9.89
CA THR A 201 10.68 22.82 -11.12
C THR A 201 12.04 22.15 -10.95
N PHE A 202 12.65 22.29 -9.78
CA PHE A 202 13.94 21.66 -9.52
C PHE A 202 13.92 20.13 -9.65
N LEU A 203 12.75 19.50 -9.54
CA LEU A 203 12.64 18.09 -9.83
C LEU A 203 11.93 17.83 -11.15
N ASN A 204 10.84 18.54 -11.40
CA ASN A 204 10.02 18.22 -12.57
C ASN A 204 10.78 18.43 -13.88
N ALA A 205 11.64 19.45 -13.94
CA ALA A 205 12.38 19.71 -15.17
C ALA A 205 13.38 18.60 -15.49
N ALA A 206 13.75 17.80 -14.49
CA ALA A 206 14.76 16.76 -14.63
C ALA A 206 14.14 15.37 -14.69
N TRP A 207 12.82 15.28 -14.60
CA TRP A 207 12.11 14.03 -14.35
C TRP A 207 11.73 13.39 -15.68
N ASN A 208 12.76 12.94 -16.39
CA ASN A 208 12.55 12.51 -17.77
C ASN A 208 13.80 11.73 -18.19
N LYS A 209 13.67 11.01 -19.31
CA LYS A 209 14.78 10.23 -19.82
C LYS A 209 16.00 11.08 -20.15
N GLU A 210 15.84 12.39 -20.36
CA GLU A 210 16.98 13.23 -20.65
C GLU A 210 17.88 13.43 -19.44
N ASN A 211 17.37 13.21 -18.22
CA ASN A 211 18.13 13.51 -17.03
C ASN A 211 18.18 12.39 -16.01
N ILE A 212 17.40 11.32 -16.18
CA ILE A 212 17.35 10.24 -15.20
C ILE A 212 18.02 9.00 -15.81
N GLN A 213 19.03 8.50 -15.10
CA GLN A 213 19.79 7.29 -15.45
C GLN A 213 19.13 6.02 -14.94
N SER A 214 18.45 6.10 -13.80
CA SER A 214 18.07 4.92 -13.03
C SER A 214 17.00 5.28 -12.03
N VAL A 215 15.94 4.47 -12.02
CA VAL A 215 14.88 4.55 -11.03
C VAL A 215 14.84 3.23 -10.27
N GLN A 216 14.76 3.30 -8.94
CA GLN A 216 14.71 2.13 -8.07
C GLN A 216 13.63 2.33 -7.01
N VAL A 217 12.77 1.32 -6.84
CA VAL A 217 11.87 1.22 -5.68
C VAL A 217 12.33 0.02 -4.86
N VAL A 218 12.57 0.23 -3.57
CA VAL A 218 13.32 -0.72 -2.76
C VAL A 218 12.52 -1.06 -1.50
N PHE A 219 12.38 -2.37 -1.24
CA PHE A 219 11.65 -2.88 -0.07
C PHE A 219 12.54 -3.91 0.61
N LYS A 220 12.85 -3.67 1.88
CA LYS A 220 13.68 -4.57 2.65
C LYS A 220 12.98 -4.83 3.97
N GLU A 221 12.90 -6.09 4.35
CA GLU A 221 12.51 -6.44 5.71
C GLU A 221 13.56 -7.34 6.33
N PRO A 222 13.77 -7.22 7.66
CA PRO A 222 14.84 -8.00 8.30
C PRO A 222 14.39 -9.36 8.82
N PHE A 223 13.09 -9.57 8.97
CA PHE A 223 12.60 -10.85 9.43
C PHE A 223 12.22 -11.71 8.23
N GLY A 224 11.90 -12.97 8.51
CA GLY A 224 11.52 -13.88 7.45
C GLY A 224 10.04 -14.20 7.50
N THR A 225 9.70 -15.45 7.17
CA THR A 225 8.32 -15.92 7.18
C THR A 225 8.10 -17.03 8.21
N GLU A 226 8.99 -17.15 9.20
CA GLU A 226 8.98 -18.29 10.12
C GLU A 226 7.62 -18.44 10.81
N GLY A 227 7.11 -19.67 10.80
CA GLY A 227 5.79 -19.90 11.33
C GLY A 227 4.76 -19.94 10.22
N ARG A 228 4.88 -19.00 9.28
CA ARG A 228 3.90 -18.89 8.21
C ARG A 228 4.47 -19.29 6.86
N GLY A 229 5.60 -20.00 6.85
CA GLY A 229 6.18 -20.39 5.57
C GLY A 229 5.22 -21.11 4.65
N GLY A 230 4.36 -21.96 5.22
CA GLY A 230 3.46 -22.75 4.38
C GLY A 230 2.44 -21.89 3.67
N TYR A 231 1.98 -20.84 4.33
CA TYR A 231 1.07 -19.88 3.70
C TYR A 231 1.80 -19.08 2.62
N PHE A 232 3.00 -18.61 2.92
CA PHE A 232 3.72 -17.77 1.99
C PHE A 232 4.07 -18.52 0.72
N ASP A 233 4.07 -19.86 0.77
CA ASP A 233 4.62 -20.65 -0.33
C ASP A 233 3.85 -20.41 -1.62
N SER A 234 2.53 -20.29 -1.53
CA SER A 234 1.73 -20.04 -2.71
C SER A 234 1.64 -18.56 -3.06
N ILE A 235 2.21 -17.68 -2.24
CA ILE A 235 2.17 -16.22 -2.44
C ILE A 235 3.44 -15.77 -3.14
N GLY A 236 4.56 -15.77 -2.40
CA GLY A 236 5.82 -15.25 -2.88
C GLY A 236 5.93 -13.74 -2.78
N ILE A 237 7.17 -13.25 -2.82
CA ILE A 237 7.41 -11.84 -2.50
C ILE A 237 6.83 -10.95 -3.58
N ILE A 238 6.81 -11.43 -4.82
CA ILE A 238 6.33 -10.62 -5.93
C ILE A 238 4.86 -10.31 -5.75
N ARG A 239 4.05 -11.34 -5.51
CA ARG A 239 2.64 -11.13 -5.22
C ARG A 239 2.45 -10.37 -3.92
N ASP A 240 3.32 -10.59 -2.94
CA ASP A 240 3.07 -10.07 -1.61
C ASP A 240 3.13 -8.55 -1.57
N VAL A 241 4.14 -7.94 -2.22
CA VAL A 241 4.37 -6.50 -2.09
C VAL A 241 4.72 -5.82 -3.40
N MET A 242 5.18 -6.58 -4.39
CA MET A 242 5.66 -5.92 -5.61
C MET A 242 4.53 -5.63 -6.60
N GLN A 243 3.67 -6.63 -6.86
CA GLN A 243 2.51 -6.43 -7.73
C GLN A 243 1.58 -5.32 -7.22
N ASN A 244 1.59 -5.03 -5.91
CA ASN A 244 0.66 -4.04 -5.38
C ASN A 244 1.41 -2.83 -4.82
N HIS A 245 1.91 -2.91 -3.57
CA HIS A 245 2.52 -1.74 -2.93
C HIS A 245 3.58 -1.08 -3.80
N LEU A 246 4.62 -1.84 -4.18
CA LEU A 246 5.73 -1.23 -4.91
C LEU A 246 5.28 -0.72 -6.28
N LEU A 247 4.41 -1.46 -6.97
CA LEU A 247 3.91 -0.98 -8.25
C LEU A 247 3.15 0.33 -8.09
N GLN A 248 2.36 0.43 -7.02
CA GLN A 248 1.65 1.69 -6.75
C GLN A 248 2.62 2.86 -6.65
N VAL A 249 3.64 2.73 -5.81
CA VAL A 249 4.66 3.78 -5.68
C VAL A 249 5.23 4.14 -7.04
N LEU A 250 5.64 3.13 -7.81
CA LEU A 250 6.31 3.38 -9.08
C LEU A 250 5.39 4.14 -10.01
N THR A 251 4.12 3.81 -9.95
CA THR A 251 3.11 4.48 -10.74
C THR A 251 3.02 5.96 -10.39
N LEU A 252 3.08 6.29 -9.09
CA LEU A 252 3.10 7.69 -8.68
C LEU A 252 4.35 8.41 -9.15
N LEU A 253 5.48 7.69 -9.30
CA LEU A 253 6.73 8.31 -9.73
C LEU A 253 6.83 8.51 -11.24
N THR A 254 6.05 7.75 -12.02
CA THR A 254 6.20 7.77 -13.47
C THR A 254 5.00 8.35 -14.21
N MET A 255 3.85 8.50 -13.57
CA MET A 255 2.68 8.99 -14.31
C MET A 255 2.89 10.42 -14.77
N GLU A 256 2.09 10.84 -15.73
CA GLU A 256 2.01 12.24 -16.10
C GLU A 256 1.11 12.99 -15.13
N ARG A 257 1.12 14.32 -15.27
CA ARG A 257 0.40 15.18 -14.33
C ARG A 257 -1.10 15.06 -14.55
N PRO A 258 -1.90 14.85 -13.52
CA PRO A 258 -3.35 14.86 -13.71
C PRO A 258 -3.79 16.22 -14.24
N VAL A 259 -4.63 16.21 -15.27
CA VAL A 259 -4.94 17.48 -15.92
C VAL A 259 -6.12 18.18 -15.25
N SER A 260 -6.88 17.49 -14.40
CA SER A 260 -7.96 18.15 -13.68
C SER A 260 -7.77 17.87 -12.20
N PHE A 261 -8.66 18.41 -11.36
CA PHE A 261 -8.61 18.17 -9.92
C PHE A 261 -9.52 17.04 -9.48
N ASP A 262 -10.25 16.44 -10.40
CA ASP A 262 -11.04 15.25 -10.09
C ASP A 262 -10.12 14.13 -9.61
N PRO A 263 -10.45 13.44 -8.53
CA PRO A 263 -9.67 12.25 -8.15
C PRO A 263 -9.51 11.26 -9.28
N GLU A 264 -10.52 11.12 -10.14
CA GLU A 264 -10.37 10.20 -11.25
C GLU A 264 -9.32 10.66 -12.26
N SER A 265 -8.91 11.92 -12.22
CA SER A 265 -7.80 12.31 -13.07
C SER A 265 -6.48 11.75 -12.55
N VAL A 266 -6.32 11.66 -11.24
CA VAL A 266 -5.17 10.94 -10.68
C VAL A 266 -5.19 9.51 -11.16
N ARG A 267 -6.34 8.87 -11.06
CA ARG A 267 -6.41 7.46 -11.38
C ARG A 267 -6.25 7.22 -12.88
N ASP A 268 -6.78 8.10 -13.73
CA ASP A 268 -6.57 8.00 -15.17
C ASP A 268 -5.08 8.00 -15.52
N GLU A 269 -4.30 8.84 -14.84
CA GLU A 269 -2.88 8.90 -15.19
C GLU A 269 -2.13 7.67 -14.71
N LYS A 270 -2.54 7.11 -13.56
CA LYS A 270 -1.94 5.86 -13.11
C LYS A 270 -2.22 4.72 -14.10
N VAL A 271 -3.49 4.56 -14.50
CA VAL A 271 -3.83 3.57 -15.50
C VAL A 271 -3.05 3.82 -16.79
N LYS A 272 -2.94 5.08 -17.19
CA LYS A 272 -2.27 5.43 -18.44
C LYS A 272 -0.81 4.98 -18.44
N VAL A 273 -0.07 5.24 -17.34
CA VAL A 273 1.32 4.86 -17.38
C VAL A 273 1.46 3.33 -17.28
N LEU A 274 0.57 2.68 -16.51
CA LEU A 274 0.55 1.22 -16.46
C LEU A 274 0.46 0.61 -17.85
N LYS A 275 -0.41 1.16 -18.70
CA LYS A 275 -0.55 0.61 -20.04
C LYS A 275 0.69 0.81 -20.90
N ALA A 276 1.57 1.73 -20.54
CA ALA A 276 2.78 1.96 -21.32
C ALA A 276 3.94 1.05 -20.91
N PHE A 277 3.80 0.32 -19.81
CA PHE A 277 4.84 -0.62 -19.41
C PHE A 277 5.03 -1.67 -20.50
N SER A 278 6.27 -1.93 -20.87
CA SER A 278 6.53 -3.05 -21.74
C SER A 278 6.29 -4.35 -20.95
N PRO A 279 6.08 -5.47 -21.62
CA PRO A 279 5.99 -6.75 -20.89
C PRO A 279 7.30 -7.03 -20.16
N ILE A 280 7.19 -7.64 -18.98
CA ILE A 280 8.38 -7.99 -18.23
C ILE A 280 9.19 -9.03 -19.00
N ASP A 281 10.47 -8.75 -19.17
CA ASP A 281 11.43 -9.72 -19.69
C ASP A 281 11.70 -10.74 -18.57
N HIS A 282 11.30 -12.01 -18.78
CA HIS A 282 11.45 -13.03 -17.74
C HIS A 282 12.91 -13.37 -17.45
N ASP A 283 13.84 -12.95 -18.31
CA ASP A 283 15.25 -13.11 -18.02
C ASP A 283 15.83 -11.95 -17.22
N ASP A 284 15.21 -10.77 -17.28
CA ASP A 284 15.75 -9.60 -16.60
C ASP A 284 15.31 -9.58 -15.13
N ILE A 285 15.74 -10.61 -14.41
CA ILE A 285 15.19 -10.95 -13.11
C ILE A 285 16.27 -11.52 -12.21
N LEU A 286 16.14 -11.27 -10.90
CA LEU A 286 17.06 -11.79 -9.90
C LEU A 286 16.22 -12.32 -8.75
N ILE A 287 16.26 -13.63 -8.55
CA ILE A 287 15.28 -14.35 -7.74
C ILE A 287 16.04 -15.11 -6.65
N GLY A 288 15.58 -14.99 -5.41
CA GLY A 288 16.31 -15.53 -4.28
C GLY A 288 15.39 -16.07 -3.22
N GLN A 289 15.90 -17.02 -2.44
CA GLN A 289 15.21 -17.67 -1.32
C GLN A 289 16.17 -17.68 -0.15
N TYR A 290 15.68 -17.38 1.06
CA TYR A 290 16.63 -17.17 2.14
C TYR A 290 17.03 -18.50 2.80
N GLY A 291 18.34 -18.68 2.95
CA GLY A 291 18.88 -19.81 3.67
C GLY A 291 19.31 -19.42 5.07
N ARG A 292 19.97 -20.36 5.75
CA ARG A 292 20.40 -20.12 7.12
C ARG A 292 21.39 -18.97 7.19
N SER A 293 21.36 -18.23 8.29
CA SER A 293 22.32 -17.16 8.51
C SER A 293 23.74 -17.71 8.62
N VAL A 294 24.71 -16.88 8.22
CA VAL A 294 26.13 -17.22 8.41
C VAL A 294 26.38 -17.53 9.87
N ASP A 295 25.77 -16.74 10.76
CA ASP A 295 25.63 -16.97 12.18
C ASP A 295 25.42 -18.44 12.54
N GLY A 296 24.55 -19.10 11.78
CA GLY A 296 23.89 -20.30 12.25
C GLY A 296 22.70 -20.04 13.13
N SER A 297 22.47 -18.81 13.55
CA SER A 297 21.43 -18.47 14.50
C SER A 297 20.03 -18.39 13.88
N LYS A 298 19.92 -18.37 12.56
CA LYS A 298 18.64 -18.14 11.90
C LYS A 298 18.33 -19.24 10.90
N PRO A 299 17.09 -19.71 10.87
CA PRO A 299 16.75 -20.85 10.01
C PRO A 299 16.64 -20.45 8.55
N SER A 300 16.78 -21.44 7.69
CA SER A 300 16.47 -21.22 6.28
C SER A 300 14.96 -21.12 6.11
N TYR A 301 14.55 -20.67 4.92
CA TYR A 301 13.13 -20.71 4.60
C TYR A 301 12.60 -22.13 4.68
N LEU A 302 13.42 -23.12 4.30
CA LEU A 302 13.00 -24.52 4.26
C LEU A 302 12.99 -25.17 5.64
N ASP A 303 13.77 -24.65 6.60
CA ASP A 303 13.70 -25.14 7.97
C ASP A 303 12.30 -25.02 8.55
N ASP A 304 11.45 -24.19 7.98
CA ASP A 304 10.08 -24.06 8.46
C ASP A 304 9.37 -25.41 8.34
N GLU A 305 8.78 -25.87 9.45
CA GLU A 305 8.13 -27.16 9.42
C GLU A 305 6.91 -27.19 8.51
N THR A 306 6.37 -26.02 8.13
CA THR A 306 5.20 -25.98 7.25
C THR A 306 5.54 -25.83 5.79
N VAL A 307 6.82 -25.82 5.41
CA VAL A 307 7.25 -25.69 4.03
C VAL A 307 7.79 -27.02 3.53
N LYS A 308 7.31 -27.47 2.36
CA LYS A 308 7.93 -28.62 1.72
C LYS A 308 9.39 -28.33 1.39
N GLU A 309 10.19 -29.39 1.33
CA GLU A 309 11.63 -29.20 1.21
C GLU A 309 12.06 -28.91 -0.22
N ASP A 310 11.20 -29.15 -1.22
CA ASP A 310 11.51 -28.82 -2.60
C ASP A 310 10.96 -27.46 -3.02
N SER A 311 10.60 -26.61 -2.07
CA SER A 311 9.91 -25.35 -2.38
C SER A 311 10.79 -24.41 -3.19
N LYS A 312 10.26 -23.92 -4.30
CA LYS A 312 10.92 -22.89 -5.09
C LYS A 312 10.42 -21.48 -4.76
N CYS A 313 9.86 -21.27 -3.57
CA CYS A 313 9.25 -19.99 -3.25
C CYS A 313 10.28 -18.87 -3.23
N VAL A 314 9.93 -17.76 -3.89
CA VAL A 314 10.81 -16.60 -3.97
C VAL A 314 10.54 -15.68 -2.76
N THR A 315 11.56 -15.45 -1.94
CA THR A 315 11.46 -14.49 -0.85
C THR A 315 12.23 -13.21 -1.13
N PHE A 316 12.99 -13.15 -2.22
CA PHE A 316 13.63 -11.94 -2.70
C PHE A 316 13.50 -11.92 -4.21
N ALA A 317 13.13 -10.76 -4.76
CA ALA A 317 13.09 -10.59 -6.21
C ALA A 317 13.53 -9.19 -6.59
N ALA A 318 14.35 -9.10 -7.64
CA ALA A 318 14.64 -7.84 -8.32
C ALA A 318 14.16 -8.00 -9.75
N ILE A 319 13.40 -7.03 -10.25
CA ILE A 319 12.78 -7.12 -11.57
C ILE A 319 13.07 -5.84 -12.33
N GLY A 320 13.46 -5.97 -13.60
CA GLY A 320 13.66 -4.81 -14.46
C GLY A 320 12.38 -4.48 -15.20
N PHE A 321 12.13 -3.19 -15.36
CA PHE A 321 10.94 -2.71 -16.04
C PHE A 321 11.34 -1.68 -17.08
N LYS A 322 10.52 -1.56 -18.11
CA LYS A 322 10.70 -0.53 -19.12
C LYS A 322 9.33 0.06 -19.44
N ILE A 323 9.27 1.37 -19.55
CA ILE A 323 8.05 2.07 -19.89
C ILE A 323 8.24 2.71 -21.26
N ALA A 324 7.38 2.35 -22.20
CA ALA A 324 7.56 2.79 -23.58
C ALA A 324 6.71 4.03 -23.85
N ASN A 325 7.15 5.16 -23.34
CA ASN A 325 6.55 6.42 -23.73
C ASN A 325 7.63 7.47 -23.81
N GLU A 326 7.21 8.70 -24.11
CA GLU A 326 8.16 9.76 -24.42
C GLU A 326 9.00 10.14 -23.20
N ARG A 327 8.40 10.13 -22.00
CA ARG A 327 9.15 10.55 -20.81
C ARG A 327 10.18 9.51 -20.40
N TRP A 328 9.87 8.21 -20.56
CA TRP A 328 10.63 7.16 -19.90
C TRP A 328 11.36 6.22 -20.84
N ASP A 329 11.28 6.45 -22.13
CA ASP A 329 11.78 5.48 -23.10
C ASP A 329 13.27 5.20 -22.88
N GLY A 330 13.60 3.94 -22.63
CA GLY A 330 14.98 3.56 -22.41
C GLY A 330 15.53 3.76 -21.00
N VAL A 331 14.75 4.29 -20.08
CA VAL A 331 15.22 4.42 -18.69
C VAL A 331 15.04 3.07 -18.01
N PRO A 332 16.10 2.44 -17.53
CA PRO A 332 15.92 1.15 -16.83
C PRO A 332 15.33 1.38 -15.44
N ILE A 333 14.27 0.65 -15.13
CA ILE A 333 13.59 0.74 -13.84
C ILE A 333 13.74 -0.60 -13.13
N VAL A 334 14.09 -0.56 -11.83
CA VAL A 334 14.18 -1.78 -11.05
C VAL A 334 13.28 -1.67 -9.83
N MET A 335 12.49 -2.71 -9.60
CA MET A 335 11.80 -2.91 -8.33
C MET A 335 12.46 -4.10 -7.66
N ARG A 336 12.80 -3.96 -6.38
CA ARG A 336 13.45 -5.05 -5.68
C ARG A 336 12.90 -5.13 -4.26
N ALA A 337 12.53 -6.34 -3.85
CA ALA A 337 11.89 -6.58 -2.55
C ALA A 337 12.45 -7.88 -1.97
N GLY A 338 12.71 -7.87 -0.66
CA GLY A 338 13.19 -9.06 0.01
C GLY A 338 12.79 -9.10 1.47
N LYS A 339 12.56 -10.31 1.96
CA LYS A 339 12.44 -10.59 3.38
C LYS A 339 13.74 -11.21 3.86
N ALA A 340 13.97 -11.13 5.18
CA ALA A 340 15.13 -11.75 5.83
C ALA A 340 16.44 -11.15 5.32
N LEU A 341 16.45 -9.85 5.12
CA LEU A 341 17.67 -9.12 4.81
C LEU A 341 18.17 -8.45 6.09
N ASN A 342 19.09 -7.49 5.94
CA ASN A 342 19.79 -6.86 7.05
C ASN A 342 19.07 -5.68 7.69
N GLU A 343 17.96 -5.21 7.14
CA GLU A 343 17.30 -4.03 7.70
C GLU A 343 15.89 -3.93 7.16
N GLY A 344 15.09 -3.09 7.80
CA GLY A 344 13.76 -2.77 7.32
C GLY A 344 13.75 -1.36 6.74
N LYS A 345 13.22 -1.26 5.52
CA LYS A 345 13.36 -0.04 4.73
C LYS A 345 12.44 -0.11 3.52
N VAL A 346 11.73 0.98 3.24
CA VAL A 346 11.12 1.17 1.93
C VAL A 346 11.63 2.50 1.38
N GLU A 347 12.16 2.48 0.16
CA GLU A 347 12.97 3.57 -0.31
C GLU A 347 12.87 3.71 -1.82
N ILE A 348 12.90 4.96 -2.29
CA ILE A 348 12.96 5.31 -3.70
C ILE A 348 14.32 5.92 -3.97
N ARG A 349 15.01 5.46 -5.02
CA ARG A 349 16.32 5.99 -5.35
C ARG A 349 16.35 6.35 -6.83
N ILE A 350 16.67 7.59 -7.13
CA ILE A 350 16.68 8.07 -8.50
C ILE A 350 18.06 8.65 -8.76
N GLN A 351 18.74 8.13 -9.77
CA GLN A 351 20.06 8.62 -10.15
C GLN A 351 19.95 9.44 -11.43
N PHE A 352 20.55 10.62 -11.42
CA PHE A 352 20.47 11.51 -12.57
C PHE A 352 21.70 11.38 -13.45
N ARG A 353 21.55 11.83 -14.70
CA ARG A 353 22.62 11.69 -15.68
C ARG A 353 23.72 12.71 -15.45
N ARG A 354 24.91 12.36 -15.91
CA ARG A 354 26.02 13.30 -16.01
C ARG A 354 26.24 13.66 -17.49
N VAL A 355 26.73 14.87 -17.74
CA VAL A 355 27.28 15.18 -19.05
C VAL A 355 28.58 14.41 -19.23
N ALA A 356 28.89 14.06 -20.49
CA ALA A 356 30.02 13.17 -20.72
C ALA A 356 31.37 13.90 -20.75
N SER A 357 31.36 15.18 -21.13
CA SER A 357 32.59 15.93 -21.32
C SER A 357 32.37 17.37 -20.90
N GLY A 358 33.47 18.02 -20.49
CA GLY A 358 33.45 19.43 -20.11
C GLY A 358 33.86 19.64 -18.68
N MET A 359 33.76 20.90 -18.24
CA MET A 359 34.37 21.32 -16.99
C MET A 359 33.65 20.79 -15.75
N PHE A 360 32.34 20.68 -15.77
CA PHE A 360 31.84 20.25 -14.48
C PHE A 360 31.23 18.87 -14.63
N THR A 361 32.03 17.94 -15.16
CA THR A 361 31.61 16.56 -15.36
C THR A 361 32.51 15.56 -14.65
N ASP A 362 33.66 15.97 -14.16
CA ASP A 362 34.56 15.15 -13.34
C ASP A 362 33.99 15.02 -11.95
N ILE A 363 32.69 14.71 -11.84
CA ILE A 363 31.89 15.00 -10.66
C ILE A 363 30.82 13.92 -10.57
N PRO A 364 30.46 13.46 -9.39
CA PRO A 364 29.49 12.35 -9.30
C PRO A 364 28.08 12.76 -9.69
N ASN A 365 27.32 11.76 -10.14
CA ASN A 365 25.91 11.95 -10.49
C ASN A 365 25.12 12.47 -9.29
N ASN A 366 24.25 13.44 -9.55
CA ASN A 366 23.21 13.76 -8.61
C ASN A 366 22.30 12.56 -8.40
N GLU A 367 21.70 12.53 -7.22
CA GLU A 367 20.95 11.38 -6.76
C GLU A 367 19.89 11.89 -5.81
N LEU A 368 18.71 11.29 -5.87
CA LEU A 368 17.60 11.64 -5.00
C LEU A 368 17.11 10.38 -4.33
N VAL A 369 17.04 10.40 -3.00
CA VAL A 369 16.54 9.29 -2.21
C VAL A 369 15.35 9.78 -1.40
N ILE A 370 14.23 9.06 -1.50
CA ILE A 370 13.03 9.34 -0.72
C ILE A 370 12.79 8.14 0.19
N ARG A 371 12.99 8.30 1.50
CA ARG A 371 12.70 7.22 2.44
C ARG A 371 11.23 7.28 2.84
N ILE A 372 10.50 6.22 2.54
CA ILE A 372 9.11 6.16 2.95
C ILE A 372 9.00 5.71 4.40
N GLN A 373 9.84 4.76 4.79
CA GLN A 373 9.85 4.23 6.14
C GLN A 373 11.16 3.49 6.35
N PRO A 374 11.71 3.48 7.57
CA PRO A 374 11.17 4.10 8.79
C PRO A 374 11.20 5.62 8.92
N ASN A 375 12.32 6.30 8.71
CA ASN A 375 12.40 7.70 9.11
C ASN A 375 12.18 8.58 7.88
N GLU A 376 10.89 8.77 7.53
CA GLU A 376 10.44 9.68 6.48
C GLU A 376 11.43 10.80 6.21
N ALA A 377 12.06 10.81 5.03
CA ALA A 377 13.07 11.80 4.73
C ALA A 377 13.28 11.88 3.22
N ILE A 378 13.89 12.99 2.79
CA ILE A 378 14.35 13.17 1.43
C ILE A 378 15.80 13.59 1.47
N TYR A 379 16.66 12.95 0.67
CA TYR A 379 18.07 13.27 0.60
C TYR A 379 18.46 13.56 -0.85
N LEU A 380 19.28 14.58 -1.04
CA LEU A 380 19.78 14.94 -2.36
C LEU A 380 21.30 14.96 -2.32
N LYS A 381 21.91 14.15 -3.18
CA LYS A 381 23.34 14.21 -3.37
C LYS A 381 23.64 15.37 -4.32
N CYS A 382 24.41 16.35 -3.84
CA CYS A 382 24.66 17.56 -4.61
C CYS A 382 26.15 17.82 -4.71
N ASN A 383 26.49 18.79 -5.55
CA ASN A 383 27.87 19.15 -5.84
C ASN A 383 28.04 20.63 -5.57
N ALA A 384 29.24 20.99 -5.11
CA ALA A 384 29.49 22.38 -4.77
C ALA A 384 30.98 22.58 -4.73
N LYS A 385 31.39 23.81 -5.05
CA LYS A 385 32.79 24.19 -4.90
C LYS A 385 33.21 24.12 -3.43
N THR A 386 34.40 23.59 -3.21
CA THR A 386 35.01 23.66 -1.89
C THR A 386 35.17 25.12 -1.46
N PRO A 387 34.72 25.49 -0.27
CA PRO A 387 34.82 26.89 0.18
C PRO A 387 36.27 27.37 0.21
N GLY A 388 36.47 28.62 -0.19
CA GLY A 388 37.74 29.28 -0.03
C GLY A 388 38.66 29.26 -1.23
N LEU A 389 39.98 29.23 -1.00
CA LEU A 389 40.93 29.20 -2.11
C LEU A 389 40.75 27.96 -2.98
N ALA A 390 40.47 26.82 -2.34
CA ALA A 390 40.42 25.57 -3.05
C ALA A 390 39.40 25.64 -4.18
N ASN A 391 39.77 25.07 -5.32
CA ASN A 391 38.85 25.02 -6.46
C ASN A 391 38.56 23.59 -6.87
N GLU A 392 38.04 22.79 -5.96
CA GLU A 392 37.68 21.42 -6.24
C GLU A 392 36.21 21.21 -5.89
N ASN A 393 35.64 20.14 -6.40
CA ASN A 393 34.29 19.78 -6.06
C ASN A 393 34.28 19.00 -4.75
N GLN A 394 33.28 19.26 -3.93
CA GLN A 394 32.94 18.30 -2.91
C GLN A 394 31.45 18.02 -2.98
N THR A 395 31.11 16.77 -2.73
CA THR A 395 29.75 16.34 -2.82
C THR A 395 29.10 16.49 -1.47
N THR A 396 27.89 17.01 -1.49
CA THR A 396 27.16 17.41 -0.29
C THR A 396 25.85 16.62 -0.27
N GLU A 397 25.54 16.04 0.90
CA GLU A 397 24.23 15.42 1.13
C GLU A 397 23.32 16.44 1.79
N LEU A 398 22.25 16.82 1.09
CA LEU A 398 21.25 17.70 1.68
C LEU A 398 20.17 16.88 2.36
N ASP A 399 19.91 17.20 3.63
CA ASP A 399 18.94 16.50 4.47
C ASP A 399 17.66 17.31 4.55
N LEU A 400 16.57 16.73 4.06
CA LEU A 400 15.25 17.27 4.32
C LEU A 400 14.52 16.28 5.23
N THR A 401 15.00 16.17 6.46
CA THR A 401 14.38 15.27 7.42
C THR A 401 13.02 15.84 7.79
N TYR A 402 11.99 15.02 7.63
CA TYR A 402 10.64 15.49 7.90
C TYR A 402 10.28 15.46 9.37
N SER A 403 11.12 14.83 10.21
CA SER A 403 10.91 14.87 11.65
C SER A 403 10.86 16.30 12.18
N GLU A 404 11.61 17.22 11.56
CA GLU A 404 11.47 18.64 11.84
C GLU A 404 10.00 19.02 12.00
N ARG A 405 9.25 18.94 10.90
CA ARG A 405 7.89 19.43 10.86
C ARG A 405 6.87 18.50 11.52
N TYR A 406 7.19 17.21 11.66
CA TYR A 406 6.18 16.27 12.10
C TYR A 406 5.99 16.28 13.61
N LYS A 407 7.01 16.69 14.37
CA LYS A 407 6.82 16.89 15.81
C LYS A 407 5.82 18.01 16.11
N ASN A 408 5.38 18.75 15.09
CA ASN A 408 4.39 19.81 15.18
C ASN A 408 3.00 19.35 14.75
N TYR A 409 2.90 18.48 13.75
CA TYR A 409 1.62 18.07 13.20
C TYR A 409 1.23 16.67 13.70
N TRP A 410 -0.03 16.32 13.46
CA TRP A 410 -0.55 14.98 13.68
C TRP A 410 -0.41 14.19 12.37
N ILE A 411 0.44 13.17 12.39
CA ILE A 411 0.64 12.32 11.22
C ILE A 411 -0.15 11.04 11.39
N PRO A 412 -1.29 10.91 10.70
CA PRO A 412 -2.11 9.70 10.82
C PRO A 412 -1.39 8.46 10.31
N GLU A 413 -1.84 7.32 10.82
CA GLU A 413 -1.51 6.03 10.23
C GLU A 413 -2.22 5.84 8.91
N ALA A 414 -1.72 4.89 8.10
CA ALA A 414 -2.27 4.66 6.77
C ALA A 414 -3.78 4.45 6.82
N TYR A 415 -4.26 3.56 7.68
CA TYR A 415 -5.67 3.27 7.71
C TYR A 415 -6.49 4.44 8.21
N GLU A 416 -5.93 5.23 9.13
CA GLU A 416 -6.61 6.45 9.55
C GLU A 416 -6.80 7.40 8.37
N SER A 417 -5.72 7.67 7.64
CA SER A 417 -5.81 8.53 6.48
C SER A 417 -6.80 7.99 5.46
N LEU A 418 -6.81 6.66 5.28
CA LEU A 418 -7.59 6.07 4.20
C LEU A 418 -9.07 6.07 4.54
N ILE A 419 -9.43 5.74 5.77
CA ILE A 419 -10.84 5.76 6.17
C ILE A 419 -11.38 7.18 6.08
N ARG A 420 -10.62 8.16 6.59
CA ARG A 420 -10.95 9.55 6.38
C ARG A 420 -11.29 9.84 4.93
N ASP A 421 -10.39 9.46 4.01
CA ASP A 421 -10.60 9.76 2.59
C ASP A 421 -11.88 9.13 2.08
N ALA A 422 -12.17 7.90 2.52
CA ALA A 422 -13.42 7.25 2.16
C ALA A 422 -14.63 8.04 2.68
N LEU A 423 -14.57 8.47 3.95
CA LEU A 423 -15.67 9.25 4.50
C LEU A 423 -15.91 10.49 3.65
N LEU A 424 -14.83 11.11 3.16
CA LEU A 424 -14.94 12.28 2.29
C LEU A 424 -15.25 11.92 0.83
N GLY A 425 -15.32 10.65 0.47
CA GLY A 425 -15.65 10.28 -0.89
C GLY A 425 -14.53 10.45 -1.92
N ASP A 426 -13.28 10.57 -1.49
CA ASP A 426 -12.15 10.86 -2.38
C ASP A 426 -11.46 9.57 -2.80
N HIS A 427 -11.57 9.20 -4.09
CA HIS A 427 -11.01 7.95 -4.59
C HIS A 427 -9.52 8.01 -4.89
N SER A 428 -8.84 9.12 -4.55
CA SER A 428 -7.49 9.37 -5.06
C SER A 428 -6.51 8.30 -4.60
N ASN A 429 -6.69 7.80 -3.38
CA ASN A 429 -5.79 6.82 -2.78
C ASN A 429 -6.37 5.42 -2.75
N PHE A 430 -7.21 5.07 -3.73
CA PHE A 430 -7.78 3.73 -3.80
C PHE A 430 -7.65 3.19 -5.22
N VAL A 431 -7.60 1.86 -5.34
CA VAL A 431 -7.34 1.20 -6.60
C VAL A 431 -8.62 1.12 -7.41
N ARG A 432 -8.52 1.45 -8.69
CA ARG A 432 -9.64 1.35 -9.62
C ARG A 432 -9.59 0.02 -10.36
N ASP A 433 -10.74 -0.37 -10.93
CA ASP A 433 -10.85 -1.69 -11.53
C ASP A 433 -9.92 -1.86 -12.75
N ASP A 434 -9.80 -0.83 -13.59
CA ASP A 434 -8.88 -0.95 -14.72
C ASP A 434 -7.43 -0.96 -14.26
N GLU A 435 -7.13 -0.19 -13.21
CA GLU A 435 -5.82 -0.23 -12.57
C GLU A 435 -5.47 -1.65 -12.13
N LEU A 436 -6.41 -2.32 -11.46
CA LEU A 436 -6.22 -3.70 -11.07
C LEU A 436 -6.00 -4.58 -12.29
N ASP A 437 -6.84 -4.43 -13.30
CA ASP A 437 -6.77 -5.31 -14.45
C ASP A 437 -5.42 -5.19 -15.14
N VAL A 438 -4.94 -3.96 -15.37
CA VAL A 438 -3.68 -3.78 -16.07
C VAL A 438 -2.51 -4.26 -15.22
N SER A 439 -2.57 -4.06 -13.91
CA SER A 439 -1.46 -4.50 -13.09
C SER A 439 -1.35 -6.03 -13.09
N TRP A 440 -2.49 -6.73 -13.15
CA TRP A 440 -2.44 -8.19 -13.25
C TRP A 440 -2.04 -8.66 -14.65
N LYS A 441 -2.43 -7.94 -15.71
CA LYS A 441 -1.96 -8.31 -17.04
C LYS A 441 -0.45 -8.21 -17.14
N LEU A 442 0.16 -7.31 -16.37
CA LEU A 442 1.60 -7.10 -16.40
C LEU A 442 2.35 -8.21 -15.66
N PHE A 443 1.87 -8.61 -14.49
CA PHE A 443 2.61 -9.52 -13.63
C PHE A 443 2.26 -10.99 -13.85
N THR A 444 1.08 -11.29 -14.39
CA THR A 444 0.70 -12.69 -14.50
C THR A 444 1.67 -13.51 -15.34
N PRO A 445 2.12 -13.05 -16.52
CA PRO A 445 3.09 -13.87 -17.26
C PRO A 445 4.35 -14.17 -16.48
N LEU A 446 4.91 -13.19 -15.77
CA LEU A 446 6.07 -13.50 -14.93
C LEU A 446 5.72 -14.54 -13.88
N LEU A 447 4.55 -14.41 -13.25
CA LEU A 447 4.18 -15.32 -12.17
C LEU A 447 3.90 -16.72 -12.70
N ASN A 448 3.24 -16.82 -13.86
CA ASN A 448 3.05 -18.12 -14.51
C ASN A 448 4.39 -18.78 -14.82
N TYR A 449 5.34 -18.00 -15.33
CA TYR A 449 6.63 -18.56 -15.69
C TYR A 449 7.38 -19.07 -14.47
N LEU A 450 7.40 -18.29 -13.38
CA LEU A 450 8.15 -18.70 -12.20
C LEU A 450 7.53 -19.92 -11.54
N GLU A 451 6.21 -20.01 -11.52
CA GLU A 451 5.51 -21.05 -10.78
C GLU A 451 5.14 -22.25 -11.64
N GLY A 452 5.48 -22.22 -12.93
CA GLY A 452 5.27 -23.36 -13.79
C GLY A 452 6.35 -24.41 -13.61
N PRO A 453 6.33 -25.41 -14.48
CA PRO A 453 7.28 -26.53 -14.32
C PRO A 453 8.71 -26.11 -14.62
N ASP A 454 8.93 -25.27 -15.64
CA ASP A 454 10.24 -24.73 -15.96
C ASP A 454 10.63 -23.54 -15.10
N GLY A 455 9.99 -23.35 -13.95
CA GLY A 455 10.30 -22.25 -13.09
C GLY A 455 11.70 -22.35 -12.54
N PRO A 456 12.47 -21.26 -12.63
CA PRO A 456 13.85 -21.28 -12.15
C PRO A 456 13.90 -21.55 -10.65
N GLN A 457 15.04 -22.09 -10.21
CA GLN A 457 15.25 -22.30 -8.79
C GLN A 457 15.83 -21.04 -8.19
N PRO A 458 15.21 -20.47 -7.16
CA PRO A 458 15.80 -19.28 -6.53
C PRO A 458 17.18 -19.57 -5.98
N LYS A 459 18.08 -18.63 -6.20
CA LYS A 459 19.37 -18.72 -5.55
C LYS A 459 19.21 -18.48 -4.05
N ILE A 460 20.01 -19.19 -3.25
CA ILE A 460 19.90 -19.13 -1.79
C ILE A 460 20.74 -17.98 -1.27
N TYR A 461 20.23 -17.29 -0.25
CA TYR A 461 21.00 -16.19 0.35
C TYR A 461 20.83 -16.30 1.87
N PRO A 462 21.87 -16.01 2.63
CA PRO A 462 21.78 -16.20 4.08
C PRO A 462 20.86 -15.18 4.72
N TYR A 463 20.03 -15.66 5.64
CA TYR A 463 19.21 -14.78 6.45
C TYR A 463 20.07 -13.66 7.01
N GLY A 464 19.65 -12.41 6.75
CA GLY A 464 20.25 -11.25 7.36
C GLY A 464 21.26 -10.53 6.50
N CYS A 465 21.56 -11.05 5.32
CA CYS A 465 22.56 -10.46 4.45
C CYS A 465 22.03 -9.19 3.75
N ARG A 466 22.97 -8.41 3.22
CA ARG A 466 22.63 -7.14 2.62
C ARG A 466 21.82 -7.35 1.35
N SER A 467 22.27 -8.27 0.51
CA SER A 467 21.72 -8.48 -0.83
C SER A 467 22.12 -9.84 -1.31
N PRO A 468 21.24 -10.59 -1.95
CA PRO A 468 21.66 -11.83 -2.61
C PRO A 468 22.78 -11.60 -3.60
N ASP A 469 23.52 -12.65 -3.93
CA ASP A 469 24.57 -12.55 -4.94
C ASP A 469 23.96 -12.11 -6.26
N GLY A 470 24.67 -11.23 -6.96
CA GLY A 470 24.27 -10.76 -8.27
C GLY A 470 23.51 -9.46 -8.28
N LEU A 471 23.11 -8.94 -7.10
CA LEU A 471 22.27 -7.74 -7.04
C LEU A 471 23.02 -6.51 -7.51
N VAL A 472 24.19 -6.25 -6.92
CA VAL A 472 24.97 -5.07 -7.26
C VAL A 472 25.29 -5.04 -8.75
N GLU A 473 25.58 -6.22 -9.33
CA GLU A 473 25.77 -6.36 -10.77
C GLU A 473 24.48 -6.08 -11.53
N PHE A 474 23.36 -6.62 -11.04
CA PHE A 474 22.05 -6.35 -11.64
C PHE A 474 21.77 -4.84 -11.69
N LEU A 475 22.06 -4.13 -10.60
CA LEU A 475 21.80 -2.70 -10.58
C LEU A 475 22.69 -1.96 -11.58
N ALA A 476 23.98 -2.29 -11.60
CA ALA A 476 24.88 -1.65 -12.56
C ALA A 476 24.50 -1.98 -13.99
N ASP A 477 23.88 -3.12 -14.20
CA ASP A 477 23.32 -3.46 -15.50
C ASP A 477 22.06 -2.66 -15.84
N HIS A 478 21.46 -2.00 -14.86
CA HIS A 478 20.25 -1.22 -15.08
C HIS A 478 20.51 0.26 -14.85
N GLY A 479 21.70 0.71 -15.23
CA GLY A 479 21.99 2.12 -15.31
C GLY A 479 22.43 2.78 -14.03
N TYR A 480 22.58 2.02 -12.95
CA TYR A 480 23.06 2.63 -11.72
C TYR A 480 24.58 2.70 -11.71
N THR A 481 25.11 3.89 -11.47
CA THR A 481 26.55 4.13 -11.45
C THR A 481 26.96 4.19 -9.99
N PHE A 482 27.81 3.25 -9.58
CA PHE A 482 28.25 3.26 -8.19
C PHE A 482 29.39 4.24 -8.05
N SER A 483 29.56 4.78 -6.85
CA SER A 483 30.58 5.80 -6.63
C SER A 483 31.24 5.57 -5.29
N LYS A 484 32.28 6.36 -5.01
CA LYS A 484 32.91 6.39 -3.69
C LYS A 484 31.94 6.97 -2.66
C1 BG6 B . 1.66 -6.70 3.46
C2 BG6 B . 2.49 -7.94 3.15
O1 BG6 B . 0.84 -6.32 2.43
O5 BG6 B . 2.57 -5.54 3.73
C3 BG6 B . 3.45 -8.24 4.25
O2 BG6 B . 1.66 -9.08 2.91
C4 BG6 B . 4.37 -7.08 4.50
O3 BG6 B . 4.27 -9.38 3.90
C5 BG6 B . 3.57 -5.81 4.79
O4 BG6 B . 5.23 -7.42 5.59
C6 BG6 B . 4.43 -4.58 4.87
O6 BG6 B . 3.58 -3.48 5.13
P BG6 B . 4.18 -2.23 6.03
O1P BG6 B . 5.46 -1.88 5.29
O2P BG6 B . 4.43 -2.72 7.44
O3P BG6 B . 3.22 -1.03 6.11
C TRS C . 23.31 8.40 4.45
C1 TRS C . 23.20 9.55 5.46
C2 TRS C . 24.76 8.26 3.91
C3 TRS C . 22.28 8.56 3.34
N TRS C . 23.01 7.17 5.19
O1 TRS C . 21.85 9.87 5.81
O2 TRS C . 25.52 9.38 4.34
O3 TRS C . 22.62 7.85 2.17
O19 7PE D . 30.14 13.01 1.32
C18 7PE D . 29.14 13.51 2.17
C17 7PE D . 29.75 14.45 3.20
O16 7PE D . 29.01 15.64 3.28
C15 7PE D . 27.86 15.59 4.08
C14 7PE D . 27.50 16.99 4.59
O13 7PE D . 26.40 16.93 5.46
C12 7PE D . 25.96 18.17 5.94
C11 7PE D . 24.45 18.11 6.17
O10 7PE D . 23.80 19.11 5.42
C9 7PE D . 22.40 19.12 5.48
C8 7PE D . 21.94 18.75 6.89
O7 7PE D . 21.16 19.76 7.45
C6 7PE D . 19.80 19.45 7.58
C5 7PE D . 18.96 20.59 7.00
O4 7PE D . 19.64 21.23 5.95
#